data_7D0S
#
_entry.id   7D0S
#
_cell.length_a   127.098
_cell.length_b   39.565
_cell.length_c   88.328
_cell.angle_alpha   90.000
_cell.angle_beta   122.880
_cell.angle_gamma   90.000
#
_symmetry.space_group_name_H-M   'C 1 2 1'
#
loop_
_entity.id
_entity.type
_entity.pdbx_description
1 polymer 'Histone acetyltransferase KAT7'
2 polymer 'BRD1 protein'
3 non-polymer 'SUCCINYL-COENZYME A'
4 non-polymer 'ZINC ION'
5 water water
#
loop_
_entity_poly.entity_id
_entity_poly.type
_entity_poly.pdbx_seq_one_letter_code
_entity_poly.pdbx_strand_id
1 'polypeptide(L)'
;MIKTIAFGRYELDTWYHSPYPEEYARLGRLYMCEFCLKYMKSQTILRRHMAKCVWKHPPGDEIYRKGSISVFEVDGKKNK
IYCQNLCLLAKLFLDH(ALY)TLYYDVEPFLFYVMTEADNTGCHLIGYFSKEKNSFLNYNVSCILTMPQYMRQGYGKMLI
DFSYLLSKVEEKVGSPERPLSDLGLISYRSYWKEVLLRYLHNFQGKEISIKEISQETAVNPVDIVSTLQALQMLKYWKGK
HLVLKRQDLIDEWIAKEAKRSNSNKTMDPSCLKWTPPKGT
;
A
2 'polypeptide(L)' LTYAQAQGMVEIEIEGRLHRISIFDPLEIILEDDLTAQEMSECNSNKENS B
#
loop_
_chem_comp.id
_chem_comp.type
_chem_comp.name
_chem_comp.formula
SCA non-polymer 'SUCCINYL-COENZYME A' 'C25 H40 N7 O19 P3 S'
ZN non-polymer 'ZINC ION' 'Zn 2'
#
# COMPACT_ATOMS: atom_id res chain seq x y z
N MET A 1 0.29 22.78 -21.17
CA MET A 1 0.02 21.45 -20.48
C MET A 1 0.97 21.25 -19.30
N ILE A 2 0.47 20.58 -18.26
CA ILE A 2 1.15 20.55 -16.96
C ILE A 2 2.42 19.71 -17.03
N LYS A 3 3.53 20.32 -16.64
CA LYS A 3 4.82 19.65 -16.56
C LYS A 3 5.35 19.51 -15.13
N THR A 4 5.01 20.47 -14.26
CA THR A 4 5.50 20.47 -12.88
C THR A 4 4.45 20.98 -11.92
N ILE A 5 4.70 20.72 -10.64
CA ILE A 5 3.83 21.18 -9.55
C ILE A 5 4.71 21.73 -8.44
N ALA A 6 4.34 22.88 -7.91
CA ALA A 6 4.94 23.37 -6.68
C ALA A 6 4.07 22.86 -5.54
N PHE A 7 4.70 22.13 -4.63
CA PHE A 7 4.02 21.44 -3.56
C PHE A 7 4.84 21.60 -2.29
N GLY A 8 4.40 22.52 -1.43
CA GLY A 8 5.15 22.91 -0.25
C GLY A 8 6.49 23.51 -0.68
N ARG A 9 7.55 22.94 -0.16
CA ARG A 9 8.91 23.31 -0.53
C ARG A 9 9.48 22.53 -1.71
N TYR A 10 8.67 21.67 -2.35
CA TYR A 10 9.14 20.81 -3.44
C TYR A 10 8.57 21.23 -4.78
N GLU A 11 9.36 21.00 -5.82
CA GLU A 11 8.93 21.22 -7.20
C GLU A 11 9.01 19.87 -7.93
N LEU A 12 7.83 19.34 -8.26
CA LEU A 12 7.69 17.98 -8.71
C LEU A 12 7.33 17.90 -10.19
N ASP A 13 8.15 17.21 -10.97
CA ASP A 13 7.83 16.95 -12.38
C ASP A 13 6.76 15.88 -12.47
N THR A 14 5.73 16.14 -13.27
CA THR A 14 4.64 15.18 -13.42
C THR A 14 5.03 14.03 -14.34
N TRP A 15 4.31 12.92 -14.24
CA TRP A 15 4.58 11.75 -15.07
C TRP A 15 3.57 11.64 -16.22
N TYR A 16 2.30 11.81 -15.91
CA TYR A 16 1.24 11.63 -16.89
C TYR A 16 0.34 12.84 -16.86
N HIS A 17 -0.69 12.83 -17.69
CA HIS A 17 -1.64 13.92 -17.71
C HIS A 17 -2.77 13.57 -16.76
N SER A 18 -3.33 14.63 -16.16
CA SER A 18 -4.44 14.54 -15.24
C SER A 18 -5.48 15.60 -15.64
N PRO A 19 -6.77 15.26 -15.57
CA PRO A 19 -7.82 16.12 -16.09
C PRO A 19 -8.14 17.35 -15.26
N TYR A 20 -7.16 18.24 -15.06
CA TYR A 20 -7.41 19.53 -14.43
C TYR A 20 -8.14 20.42 -15.44
N PRO A 21 -9.03 21.30 -14.97
CA PRO A 21 -9.70 22.24 -15.89
C PRO A 21 -8.69 22.98 -16.80
N GLU A 22 -9.02 23.02 -18.09
CA GLU A 22 -8.13 23.54 -19.14
C GLU A 22 -7.61 24.95 -18.87
N GLU A 23 -8.34 25.69 -18.03
CA GLU A 23 -7.83 26.94 -17.47
C GLU A 23 -6.47 26.74 -16.80
N TYR A 24 -6.41 25.75 -15.90
CA TYR A 24 -5.17 25.36 -15.22
C TYR A 24 -4.29 24.47 -16.08
N ALA A 25 -4.92 23.52 -16.75
CA ALA A 25 -4.21 22.54 -17.59
C ALA A 25 -3.44 23.13 -18.76
N ARG A 26 -3.75 24.38 -19.11
CA ARG A 26 -3.00 25.12 -20.14
C ARG A 26 -1.60 25.53 -19.66
N LEU A 27 -1.45 25.75 -18.36
CA LEU A 27 -0.19 26.23 -17.78
C LEU A 27 0.80 25.09 -17.67
N GLY A 28 2.08 25.45 -17.56
CA GLY A 28 3.14 24.46 -17.37
C GLY A 28 3.27 24.02 -15.92
N ARG A 29 3.10 24.96 -15.01
CA ARG A 29 3.29 24.75 -13.59
C ARG A 29 1.94 24.89 -12.91
N LEU A 30 1.79 24.24 -11.76
CA LEU A 30 0.57 24.32 -10.98
C LEU A 30 0.93 24.41 -9.51
N TYR A 31 0.51 25.49 -8.87
CA TYR A 31 0.77 25.71 -7.46
C TYR A 31 -0.40 25.09 -6.70
N MET A 32 -0.08 24.41 -5.61
CA MET A 32 -1.13 23.88 -4.76
C MET A 32 -0.75 23.93 -3.31
N CYS A 33 -1.82 23.96 -2.51
CA CYS A 33 -1.75 24.00 -1.08
C CYS A 33 -1.38 22.61 -0.60
N GLU A 34 -0.32 22.54 0.17
CA GLU A 34 0.11 21.24 0.69
C GLU A 34 -0.77 20.67 1.81
N PHE A 35 -1.68 21.48 2.35
CA PHE A 35 -2.58 20.96 3.39
C PHE A 35 -4.00 20.75 2.97
N CYS A 36 -4.57 21.61 2.12
CA CYS A 36 -5.99 21.38 1.65
C CYS A 36 -6.07 20.85 0.21
N LEU A 37 -4.97 20.93 -0.53
CA LEU A 37 -4.84 20.47 -1.92
C LEU A 37 -5.55 21.29 -2.99
N LYS A 38 -6.13 22.43 -2.63
CA LYS A 38 -6.58 23.35 -3.64
C LYS A 38 -5.40 23.70 -4.54
N TYR A 39 -5.71 23.85 -5.84
CA TYR A 39 -4.71 24.21 -6.88
C TYR A 39 -4.98 25.62 -7.38
N MET A 40 -3.90 26.29 -7.75
CA MET A 40 -3.87 27.73 -8.01
C MET A 40 -2.88 28.01 -9.13
N LYS A 41 -3.04 29.18 -9.75
CA LYS A 41 -2.36 29.52 -11.01
C LYS A 41 -0.96 30.07 -10.84
N SER A 42 -0.66 30.66 -9.69
CA SER A 42 0.61 31.37 -9.53
C SER A 42 1.10 31.35 -8.10
N GLN A 43 2.43 31.44 -7.97
CA GLN A 43 3.08 31.55 -6.67
C GLN A 43 2.44 32.63 -5.78
N THR A 44 2.13 33.76 -6.37
CA THR A 44 1.58 34.87 -5.61
C THR A 44 0.16 34.57 -5.15
N ILE A 45 -0.64 33.93 -6.00
CA ILE A 45 -1.97 33.45 -5.56
C ILE A 45 -1.86 32.49 -4.36
N LEU A 46 -0.90 31.55 -4.42
CA LEU A 46 -0.71 30.58 -3.33
C LEU A 46 -0.40 31.27 -2.01
N ARG A 47 0.56 32.19 -2.03
CA ARG A 47 0.93 32.94 -0.82
C ARG A 47 -0.28 33.59 -0.14
N ARG A 48 -1.25 34.08 -0.93
CA ARG A 48 -2.48 34.64 -0.34
C ARG A 48 -3.32 33.54 0.30
N HIS A 49 -3.46 32.42 -0.40
CA HIS A 49 -4.20 31.27 0.15
C HIS A 49 -3.55 30.78 1.45
N MET A 50 -2.23 30.57 1.44
CA MET A 50 -1.52 30.07 2.62
C MET A 50 -1.76 30.97 3.83
N ALA A 51 -1.82 32.27 3.60
CA ALA A 51 -2.10 33.25 4.66
C ALA A 51 -3.53 33.12 5.20
N LYS A 52 -4.44 32.67 4.35
CA LYS A 52 -5.84 32.41 4.74
C LYS A 52 -6.09 30.98 5.25
N CYS A 53 -5.47 29.99 4.61
CA CYS A 53 -5.77 28.59 4.82
C CYS A 53 -5.55 28.16 6.26
N VAL A 54 -6.59 27.61 6.86
CA VAL A 54 -6.54 27.18 8.23
C VAL A 54 -5.88 25.81 8.34
N TRP A 55 -6.18 24.90 7.40
CA TRP A 55 -5.77 23.49 7.49
C TRP A 55 -4.26 23.29 7.64
N LYS A 56 -3.86 22.56 8.68
CA LYS A 56 -2.46 22.12 8.89
C LYS A 56 -2.26 20.60 8.79
N HIS A 57 -3.32 19.89 8.41
CA HIS A 57 -3.25 18.45 8.21
C HIS A 57 -4.45 18.06 7.38
N PRO A 58 -4.49 16.82 6.89
CA PRO A 58 -5.69 16.38 6.15
C PRO A 58 -6.98 16.51 6.98
N PRO A 59 -8.13 16.46 6.33
CA PRO A 59 -9.37 16.34 7.12
C PRO A 59 -9.49 14.92 7.64
N GLY A 60 -10.63 14.57 8.19
CA GLY A 60 -10.84 13.23 8.67
C GLY A 60 -10.17 12.95 10.01
N ASP A 61 -10.18 11.68 10.39
CA ASP A 61 -9.81 11.25 11.73
C ASP A 61 -8.40 10.68 11.71
N GLU A 62 -7.60 11.09 12.70
CA GLU A 62 -6.26 10.49 12.90
C GLU A 62 -6.46 9.15 13.58
N ILE A 63 -6.29 8.08 12.83
CA ILE A 63 -6.42 6.74 13.38
C ILE A 63 -5.07 6.08 13.77
N TYR A 64 -3.98 6.68 13.34
CA TYR A 64 -2.63 6.19 13.68
C TYR A 64 -1.77 7.37 13.93
N ARG A 65 -0.99 7.32 14.99
CA ARG A 65 0.00 8.29 15.29
C ARG A 65 1.15 7.63 16.03
N LYS A 66 2.35 7.78 15.50
CA LYS A 66 3.56 7.36 16.17
C LYS A 66 4.55 8.46 15.91
N GLY A 67 4.66 9.35 16.90
CA GLY A 67 5.49 10.52 16.81
C GLY A 67 5.03 11.41 15.67
N SER A 68 5.96 11.71 14.78
CA SER A 68 5.72 12.56 13.65
C SER A 68 4.99 11.91 12.49
N ILE A 69 4.70 10.61 12.56
CA ILE A 69 4.04 9.90 11.46
C ILE A 69 2.56 9.58 11.80
N SER A 70 1.65 10.05 10.96
CA SER A 70 0.22 9.90 11.19
C SER A 70 -0.43 9.24 10.00
N VAL A 71 -1.66 8.78 10.25
CA VAL A 71 -2.55 8.36 9.19
C VAL A 71 -3.93 8.88 9.50
N PHE A 72 -4.54 9.50 8.49
CA PHE A 72 -5.87 10.12 8.59
C PHE A 72 -6.81 9.39 7.67
N GLU A 73 -7.98 9.05 8.20
CA GLU A 73 -9.02 8.43 7.42
C GLU A 73 -9.97 9.52 6.98
N VAL A 74 -10.05 9.72 5.67
CA VAL A 74 -10.90 10.72 5.07
C VAL A 74 -12.03 10.07 4.28
N ASP A 75 -13.27 10.38 4.66
CA ASP A 75 -14.46 9.86 3.97
C ASP A 75 -14.69 10.75 2.75
N GLY A 76 -14.75 10.12 1.58
CA GLY A 76 -14.95 10.83 0.33
C GLY A 76 -16.31 11.50 0.21
N LYS A 77 -17.30 11.04 0.98
CA LYS A 77 -18.62 11.67 1.02
C LYS A 77 -18.64 12.86 1.96
N LYS A 78 -17.90 12.81 3.08
CA LYS A 78 -17.79 13.97 3.97
C LYS A 78 -16.71 15.01 3.59
N ASN A 79 -15.79 14.65 2.66
CA ASN A 79 -14.72 15.57 2.20
C ASN A 79 -14.47 15.42 0.70
N LYS A 80 -15.55 15.59 -0.06
CA LYS A 80 -15.52 15.36 -1.50
C LYS A 80 -14.44 16.16 -2.21
N ILE A 81 -14.31 17.42 -1.81
CA ILE A 81 -13.43 18.32 -2.55
C ILE A 81 -11.98 17.95 -2.32
N TYR A 82 -11.66 17.63 -1.06
CA TYR A 82 -10.31 17.19 -0.72
C TYR A 82 -9.95 15.90 -1.46
N CYS A 83 -10.85 14.94 -1.46
CA CYS A 83 -10.59 13.63 -2.10
C CYS A 83 -10.48 13.74 -3.62
N GLN A 84 -11.27 14.62 -4.23
CA GLN A 84 -11.11 14.90 -5.66
C GLN A 84 -9.76 15.55 -5.97
N ASN A 85 -9.35 16.53 -5.18
CA ASN A 85 -8.02 17.14 -5.34
C ASN A 85 -6.94 16.06 -5.21
N LEU A 86 -7.13 15.19 -4.23
CA LEU A 86 -6.20 14.08 -4.00
C LEU A 86 -6.14 13.12 -5.19
N CYS A 87 -7.28 12.87 -5.83
CA CYS A 87 -7.33 11.96 -6.99
C CYS A 87 -6.75 12.58 -8.23
N LEU A 88 -7.04 13.85 -8.49
CA LEU A 88 -6.39 14.59 -9.60
C LEU A 88 -4.87 14.61 -9.42
N LEU A 89 -4.42 14.80 -8.18
CA LEU A 89 -2.99 14.86 -7.89
C LEU A 89 -2.33 13.48 -8.04
N ALA A 90 -3.08 12.43 -7.77
CA ALA A 90 -2.59 11.08 -7.94
C ALA A 90 -2.41 10.72 -9.41
N LYS A 91 -3.39 11.06 -10.25
CA LYS A 91 -3.35 10.72 -11.69
C LYS A 91 -2.15 11.35 -12.42
N LEU A 92 -1.53 12.35 -11.81
CA LEU A 92 -0.24 12.86 -12.28
C LEU A 92 0.91 11.87 -12.24
N PHE A 93 0.76 10.80 -11.48
CA PHE A 93 1.79 9.77 -11.32
C PHE A 93 1.31 8.34 -11.50
N LEU A 94 0.01 8.15 -11.75
CA LEU A 94 -0.55 6.88 -12.15
C LEU A 94 -0.79 6.89 -13.65
N ASP A 95 -0.19 5.93 -14.34
CA ASP A 95 -0.47 5.68 -15.76
C ASP A 95 -1.96 5.58 -16.00
N HIS A 96 -2.68 4.96 -15.07
CA HIS A 96 -4.11 4.76 -15.23
C HIS A 96 -4.77 4.71 -13.86
OH ALY A 97 -7.42 6.62 -5.70
CH ALY A 97 -8.32 6.81 -6.48
CH3 ALY A 97 -9.66 6.18 -6.20
NZ ALY A 97 -8.23 7.52 -7.60
CE ALY A 97 -7.05 8.24 -8.04
CD ALY A 97 -6.17 7.56 -9.07
CG ALY A 97 -6.95 6.94 -10.21
CB ALY A 97 -6.12 6.93 -11.49
CA ALY A 97 -6.39 5.71 -12.36
N ALY A 97 -5.62 5.68 -13.59
C ALY A 97 -7.84 5.62 -12.76
O ALY A 97 -8.34 6.40 -13.57
N THR A 98 -8.48 4.66 -12.13
CA THR A 98 -9.84 4.24 -12.46
C THR A 98 -10.90 5.33 -12.34
N LEU A 99 -10.71 6.26 -11.40
CA LEU A 99 -11.78 7.15 -10.98
C LEU A 99 -11.28 8.40 -10.27
N TYR A 100 -11.81 9.56 -10.65
CA TYR A 100 -11.50 10.85 -9.99
C TYR A 100 -12.71 11.71 -9.58
N TYR A 101 -13.91 11.42 -10.08
CA TYR A 101 -15.08 12.27 -9.84
C TYR A 101 -15.95 11.69 -8.71
N ASP A 102 -16.23 10.39 -8.77
CA ASP A 102 -17.20 9.75 -7.87
C ASP A 102 -16.50 9.21 -6.63
N VAL A 103 -15.92 10.10 -5.83
CA VAL A 103 -15.13 9.68 -4.66
C VAL A 103 -15.98 9.30 -3.44
N GLU A 104 -17.29 9.55 -3.51
CA GLU A 104 -18.20 9.24 -2.38
C GLU A 104 -18.19 7.81 -1.84
N PRO A 105 -18.08 6.79 -2.70
CA PRO A 105 -17.99 5.43 -2.15
C PRO A 105 -16.58 4.98 -1.67
N PHE A 106 -15.63 5.91 -1.54
CA PHE A 106 -14.27 5.59 -1.10
C PHE A 106 -13.90 6.22 0.24
N LEU A 107 -13.06 5.50 0.97
CA LEU A 107 -12.24 6.06 2.04
C LEU A 107 -10.82 6.29 1.52
N PHE A 108 -10.16 7.31 2.07
CA PHE A 108 -8.76 7.57 1.71
C PHE A 108 -7.91 7.63 2.95
N TYR A 109 -6.84 6.86 2.95
CA TYR A 109 -6.00 6.79 4.12
C TYR A 109 -4.75 7.56 3.75
N VAL A 110 -4.58 8.68 4.44
CA VAL A 110 -3.58 9.69 4.12
C VAL A 110 -2.48 9.68 5.15
N MET A 111 -1.24 9.38 4.70
CA MET A 111 -0.09 9.28 5.58
C MET A 111 0.70 10.57 5.49
N THR A 112 1.09 11.09 6.66
CA THR A 112 1.74 12.36 6.75
C THR A 112 2.96 12.33 7.72
N GLU A 113 3.90 13.21 7.46
CA GLU A 113 5.04 13.40 8.34
C GLU A 113 5.05 14.83 8.88
N ALA A 114 4.97 14.96 10.19
CA ALA A 114 4.86 16.26 10.82
C ALA A 114 6.21 16.90 11.08
N ASP A 115 6.34 18.17 10.69
CA ASP A 115 7.37 19.01 11.23
C ASP A 115 6.68 20.22 11.91
N ASN A 116 7.44 21.23 12.27
CA ASN A 116 6.87 22.34 13.03
C ASN A 116 5.89 23.21 12.24
N THR A 117 5.80 23.07 10.92
CA THR A 117 4.82 23.87 10.16
C THR A 117 3.46 23.15 9.93
N GLY A 118 3.43 21.84 10.10
CA GLY A 118 2.19 21.04 9.99
C GLY A 118 2.47 19.61 9.60
N CYS A 119 1.39 18.85 9.32
CA CYS A 119 1.47 17.47 8.85
C CYS A 119 1.50 17.40 7.32
N HIS A 120 2.69 17.06 6.79
CA HIS A 120 2.98 17.04 5.35
C HIS A 120 2.65 15.71 4.66
N LEU A 121 2.04 15.78 3.48
CA LEU A 121 1.67 14.62 2.73
C LEU A 121 2.83 13.72 2.29
N ILE A 122 2.79 12.46 2.69
CA ILE A 122 3.74 11.44 2.25
C ILE A 122 3.17 10.62 1.09
N GLY A 123 1.98 10.08 1.30
CA GLY A 123 1.33 9.26 0.31
C GLY A 123 -0.04 8.91 0.86
N TYR A 124 -0.76 8.07 0.11
CA TYR A 124 -2.10 7.65 0.50
C TYR A 124 -2.47 6.36 -0.21
N PHE A 125 -3.55 5.75 0.28
CA PHE A 125 -4.27 4.79 -0.49
C PHE A 125 -5.80 4.93 -0.33
N SER A 126 -6.50 4.71 -1.44
CA SER A 126 -7.93 4.74 -1.45
C SER A 126 -8.41 3.32 -1.25
N LYS A 127 -9.58 3.20 -0.65
CA LYS A 127 -10.19 1.91 -0.36
C LYS A 127 -11.69 2.03 -0.58
N GLU A 128 -12.26 1.09 -1.34
CA GLU A 128 -13.72 0.99 -1.53
C GLU A 128 -14.42 0.72 -0.22
N LYS A 129 -15.42 1.53 0.11
CA LYS A 129 -16.19 1.34 1.35
C LYS A 129 -16.77 -0.08 1.43
N ASN A 130 -17.28 -0.56 0.29
CA ASN A 130 -17.88 -1.89 0.20
C ASN A 130 -17.53 -2.53 -1.15
N SER A 131 -16.45 -3.31 -1.14
CA SER A 131 -15.94 -3.96 -2.36
C SER A 131 -16.47 -5.39 -2.50
N PHE A 132 -17.13 -5.66 -3.63
CA PHE A 132 -17.60 -7.00 -3.97
C PHE A 132 -16.45 -8.00 -4.09
N LEU A 133 -15.28 -7.55 -4.55
CA LEU A 133 -14.07 -8.41 -4.65
C LEU A 133 -13.14 -8.37 -3.44
N ASN A 134 -13.62 -7.85 -2.31
CA ASN A 134 -12.83 -7.75 -1.08
C ASN A 134 -11.44 -7.17 -1.34
N TYR A 135 -11.38 -6.13 -2.17
CA TYR A 135 -10.15 -5.38 -2.33
C TYR A 135 -9.98 -4.49 -1.12
N ASN A 136 -8.76 -4.46 -0.59
CA ASN A 136 -8.47 -3.65 0.58
C ASN A 136 -7.67 -2.37 0.22
N VAL A 137 -7.23 -2.28 -1.03
CA VAL A 137 -6.67 -1.07 -1.60
C VAL A 137 -7.20 -0.94 -3.02
N SER A 138 -7.68 0.27 -3.35
CA SER A 138 -8.05 0.57 -4.73
C SER A 138 -6.87 1.18 -5.48
N CYS A 139 -6.24 2.17 -4.86
CA CYS A 139 -5.06 2.83 -5.41
C CYS A 139 -4.15 3.22 -4.25
N ILE A 140 -2.87 3.38 -4.57
CA ILE A 140 -1.84 3.65 -3.61
C ILE A 140 -0.71 4.43 -4.30
N LEU A 141 -0.15 5.38 -3.57
CA LEU A 141 0.83 6.32 -4.08
C LEU A 141 1.70 6.81 -2.95
N THR A 142 3.00 6.92 -3.22
CA THR A 142 3.93 7.55 -2.33
C THR A 142 4.30 8.81 -3.11
N MET A 143 4.22 10.00 -2.48
CA MET A 143 4.58 11.22 -3.18
C MET A 143 6.06 11.10 -3.63
N PRO A 144 6.38 11.55 -4.86
CA PRO A 144 7.74 11.40 -5.44
C PRO A 144 8.88 11.76 -4.55
N GLN A 145 8.80 12.91 -3.89
CA GLN A 145 9.86 13.36 -2.97
C GLN A 145 10.17 12.36 -1.85
N TYR A 146 9.23 11.44 -1.56
CA TYR A 146 9.37 10.44 -0.52
C TYR A 146 9.53 9.00 -1.07
N MET A 147 9.63 8.81 -2.37
CA MET A 147 9.70 7.47 -2.97
C MET A 147 11.02 6.73 -2.68
N ARG A 148 10.92 5.40 -2.65
CA ARG A 148 12.10 4.54 -2.44
C ARG A 148 12.79 4.77 -1.09
N GLN A 149 11.98 5.01 -0.07
CA GLN A 149 12.49 5.18 1.30
C GLN A 149 11.73 4.25 2.33
N GLY A 150 10.81 3.41 1.88
CA GLY A 150 10.10 2.46 2.73
C GLY A 150 8.67 2.85 3.11
N TYR A 151 8.25 4.04 2.70
CA TYR A 151 6.89 4.51 3.00
C TYR A 151 5.81 3.70 2.28
N GLY A 152 6.08 3.32 1.02
CA GLY A 152 5.13 2.49 0.26
C GLY A 152 4.82 1.20 1.02
N LYS A 153 5.88 0.56 1.49
CA LYS A 153 5.74 -0.65 2.28
C LYS A 153 4.96 -0.42 3.55
N MET A 154 5.14 0.76 4.17
CA MET A 154 4.38 1.13 5.36
C MET A 154 2.87 1.31 5.06
N LEU A 155 2.57 1.93 3.92
CA LEU A 155 1.19 2.03 3.44
C LEU A 155 0.59 0.65 3.18
N ILE A 156 1.31 -0.22 2.47
CA ILE A 156 0.80 -1.59 2.19
C ILE A 156 0.55 -2.30 3.52
N ASP A 157 1.55 -2.26 4.39
CA ASP A 157 1.38 -2.83 5.74
C ASP A 157 0.14 -2.33 6.50
N PHE A 158 -0.16 -1.05 6.35
CA PHE A 158 -1.30 -0.45 6.98
C PHE A 158 -2.62 -0.97 6.42
N SER A 159 -2.69 -1.13 5.11
CA SER A 159 -3.90 -1.67 4.50
C SER A 159 -4.22 -3.08 4.98
N TYR A 160 -3.20 -3.86 5.22
CA TYR A 160 -3.42 -5.18 5.79
C TYR A 160 -3.70 -5.14 7.27
N LEU A 161 -3.11 -4.17 7.97
CA LEU A 161 -3.46 -3.98 9.36
C LEU A 161 -4.95 -3.70 9.56
N LEU A 162 -5.48 -2.78 8.77
CA LEU A 162 -6.91 -2.52 8.75
C LEU A 162 -7.68 -3.80 8.45
N SER A 163 -7.25 -4.58 7.47
CA SER A 163 -7.93 -5.85 7.16
C SER A 163 -8.00 -6.81 8.36
N LYS A 164 -6.86 -7.04 9.02
CA LYS A 164 -6.86 -7.85 10.26
C LYS A 164 -7.87 -7.35 11.28
N VAL A 165 -7.84 -6.05 11.56
CA VAL A 165 -8.75 -5.50 12.58
C VAL A 165 -10.19 -5.68 12.14
N GLU A 166 -10.46 -5.61 10.83
CA GLU A 166 -11.78 -5.95 10.28
C GLU A 166 -12.12 -7.45 10.24
N GLU A 167 -11.15 -8.32 10.56
CA GLU A 167 -11.26 -9.78 10.38
C GLU A 167 -11.63 -10.19 8.96
N LYS A 168 -10.93 -9.59 8.00
CA LYS A 168 -11.10 -9.91 6.59
C LYS A 168 -9.76 -10.21 5.96
N VAL A 169 -9.85 -10.84 4.80
CA VAL A 169 -8.71 -11.10 3.96
C VAL A 169 -8.82 -10.11 2.83
N GLY A 170 -7.68 -9.57 2.42
CA GLY A 170 -7.65 -8.56 1.40
C GLY A 170 -6.60 -8.69 0.31
N SER A 171 -6.90 -7.93 -0.72
CA SER A 171 -6.09 -7.87 -1.84
C SER A 171 -6.21 -6.52 -2.53
N PRO A 172 -5.15 -6.07 -3.18
CA PRO A 172 -5.21 -4.86 -3.98
C PRO A 172 -6.01 -5.06 -5.26
N GLU A 173 -6.54 -3.96 -5.77
CA GLU A 173 -7.34 -3.96 -6.97
C GLU A 173 -6.49 -4.27 -8.18
N ARG A 174 -6.90 -5.30 -8.89
CA ARG A 174 -6.35 -5.65 -10.17
C ARG A 174 -6.94 -4.68 -11.21
N PRO A 175 -6.12 -4.21 -12.16
CA PRO A 175 -4.74 -4.61 -12.37
C PRO A 175 -3.73 -3.78 -11.56
N LEU A 176 -2.64 -4.42 -11.18
CA LEU A 176 -1.53 -3.76 -10.51
C LEU A 176 -0.56 -3.22 -11.55
N SER A 177 0.04 -2.07 -11.28
CA SER A 177 1.04 -1.52 -12.16
C SER A 177 2.40 -2.15 -11.86
N ASP A 178 3.37 -1.89 -12.74
CA ASP A 178 4.76 -2.38 -12.58
C ASP A 178 5.26 -2.05 -11.18
N LEU A 179 5.23 -0.76 -10.85
CA LEU A 179 5.71 -0.31 -9.54
C LEU A 179 4.89 -0.93 -8.41
N GLY A 180 3.56 -0.99 -8.61
CA GLY A 180 2.69 -1.65 -7.64
C GLY A 180 3.03 -3.13 -7.42
N LEU A 181 3.25 -3.85 -8.51
CA LEU A 181 3.58 -5.28 -8.46
C LEU A 181 4.93 -5.55 -7.77
N ILE A 182 5.95 -4.79 -8.11
CA ILE A 182 7.26 -4.93 -7.43
C ILE A 182 7.15 -4.72 -5.92
N SER A 183 6.38 -3.73 -5.51
CA SER A 183 6.29 -3.38 -4.09
C SER A 183 5.44 -4.38 -3.30
N TYR A 184 4.36 -4.86 -3.91
CA TYR A 184 3.56 -5.88 -3.26
C TYR A 184 4.33 -7.21 -3.14
N ARG A 185 5.13 -7.54 -4.15
CA ARG A 185 5.94 -8.76 -4.13
C ARG A 185 6.95 -8.67 -3.00
N SER A 186 7.63 -7.54 -2.90
CA SER A 186 8.59 -7.32 -1.79
C SER A 186 7.91 -7.49 -0.44
N TYR A 187 6.75 -6.86 -0.28
CA TYR A 187 6.00 -7.00 0.96
C TYR A 187 5.59 -8.44 1.27
N TRP A 188 4.96 -9.10 0.32
CA TRP A 188 4.57 -10.48 0.44
C TRP A 188 5.73 -11.43 0.78
N LYS A 189 6.87 -11.30 0.11
CA LYS A 189 8.07 -12.04 0.50
C LYS A 189 8.39 -11.82 1.97
N GLU A 190 8.46 -10.55 2.40
CA GLU A 190 8.79 -10.24 3.81
C GLU A 190 7.79 -10.82 4.79
N VAL A 191 6.50 -10.78 4.46
CA VAL A 191 5.48 -11.31 5.39
C VAL A 191 5.57 -12.84 5.48
N LEU A 192 5.78 -13.49 4.35
CA LEU A 192 5.88 -14.93 4.30
C LEU A 192 7.13 -15.45 5.04
N LEU A 193 8.29 -14.86 4.76
CA LEU A 193 9.52 -15.26 5.44
C LEU A 193 9.43 -15.09 6.96
N ARG A 194 8.85 -13.98 7.41
CA ARG A 194 8.61 -13.71 8.83
C ARG A 194 7.74 -14.79 9.45
N TYR A 195 6.62 -15.11 8.81
CA TYR A 195 5.73 -16.14 9.33
C TYR A 195 6.45 -17.48 9.51
N LEU A 196 7.22 -17.87 8.51
CA LEU A 196 7.91 -19.16 8.53
C LEU A 196 9.08 -19.19 9.48
N HIS A 197 9.70 -18.05 9.70
CA HIS A 197 10.71 -17.91 10.74
C HIS A 197 10.11 -18.12 12.15
N ASN A 198 8.81 -17.89 12.30
CA ASN A 198 8.14 -18.00 13.59
C ASN A 198 7.30 -19.25 13.80
N PHE A 199 6.87 -19.92 12.73
CA PHE A 199 6.11 -21.16 12.89
C PHE A 199 7.03 -22.30 13.25
N GLN A 200 6.57 -23.17 14.14
CA GLN A 200 7.31 -24.38 14.56
C GLN A 200 6.61 -25.68 14.20
N GLY A 201 5.31 -25.64 13.95
CA GLY A 201 4.56 -26.84 13.56
C GLY A 201 5.17 -27.56 12.37
N LYS A 202 4.79 -28.81 12.18
CA LYS A 202 5.32 -29.59 11.07
C LYS A 202 4.64 -29.27 9.75
N GLU A 203 3.50 -28.58 9.80
CA GLU A 203 2.71 -28.34 8.61
C GLU A 203 1.78 -27.15 8.78
N ILE A 204 1.34 -26.60 7.66
CA ILE A 204 0.51 -25.41 7.64
C ILE A 204 -0.31 -25.37 6.35
N SER A 205 -1.55 -24.92 6.44
CA SER A 205 -2.38 -24.74 5.27
C SER A 205 -2.25 -23.31 4.82
N ILE A 206 -2.51 -23.07 3.54
CA ILE A 206 -2.49 -21.72 3.02
C ILE A 206 -3.52 -20.88 3.73
N LYS A 207 -4.69 -21.45 4.01
CA LYS A 207 -5.74 -20.73 4.67
C LYS A 207 -5.31 -20.22 6.03
N GLU A 208 -4.57 -21.04 6.78
CA GLU A 208 -4.01 -20.65 8.08
C GLU A 208 -3.16 -19.40 7.95
N ILE A 209 -2.31 -19.37 6.94
CA ILE A 209 -1.43 -18.21 6.72
C ILE A 209 -2.25 -16.97 6.36
N SER A 210 -3.14 -17.13 5.41
CA SER A 210 -4.09 -16.09 5.04
C SER A 210 -4.84 -15.51 6.24
N GLN A 211 -5.32 -16.38 7.12
CA GLN A 211 -6.07 -15.93 8.29
C GLN A 211 -5.25 -14.97 9.17
N GLU A 212 -3.99 -15.33 9.43
CA GLU A 212 -3.13 -14.52 10.30
C GLU A 212 -2.68 -13.21 9.67
N THR A 213 -2.38 -13.23 8.38
CA THR A 213 -1.76 -12.08 7.70
C THR A 213 -2.72 -11.17 6.95
N ALA A 214 -3.99 -11.58 6.80
CA ALA A 214 -4.97 -10.92 5.90
C ALA A 214 -4.57 -10.88 4.41
N VAL A 215 -3.53 -11.60 4.04
CA VAL A 215 -3.12 -11.75 2.65
C VAL A 215 -3.94 -12.85 1.99
N ASN A 216 -4.36 -12.58 0.77
CA ASN A 216 -5.23 -13.45 0.02
C ASN A 216 -4.49 -14.74 -0.36
N PRO A 217 -5.17 -15.89 -0.23
CA PRO A 217 -4.54 -17.17 -0.55
C PRO A 217 -3.82 -17.27 -1.91
N VAL A 218 -4.32 -16.56 -2.92
CA VAL A 218 -3.68 -16.61 -4.24
C VAL A 218 -2.35 -15.87 -4.22
N ASP A 219 -2.31 -14.74 -3.52
CA ASP A 219 -1.05 -13.99 -3.40
C ASP A 219 -0.04 -14.73 -2.54
N ILE A 220 -0.53 -15.44 -1.52
CA ILE A 220 0.34 -16.34 -0.76
C ILE A 220 0.95 -17.40 -1.68
N VAL A 221 0.08 -18.14 -2.38
CA VAL A 221 0.58 -19.21 -3.23
C VAL A 221 1.52 -18.64 -4.28
N SER A 222 1.13 -17.52 -4.86
CA SER A 222 1.90 -16.88 -5.90
C SER A 222 3.31 -16.51 -5.45
N THR A 223 3.42 -16.04 -4.22
CA THR A 223 4.70 -15.66 -3.63
C THR A 223 5.58 -16.87 -3.31
N LEU A 224 4.98 -17.89 -2.72
CA LEU A 224 5.66 -19.19 -2.55
C LEU A 224 6.38 -19.63 -3.81
N GLN A 225 5.68 -19.61 -4.93
CA GLN A 225 6.30 -19.99 -6.20
C GLN A 225 7.36 -19.01 -6.68
N ALA A 226 7.09 -17.73 -6.51
CA ALA A 226 8.09 -16.70 -6.80
C ALA A 226 9.40 -16.96 -6.05
N LEU A 227 9.29 -17.44 -4.81
CA LEU A 227 10.46 -17.80 -4.03
C LEU A 227 11.02 -19.21 -4.26
N GLN A 228 10.39 -19.99 -5.13
CA GLN A 228 10.73 -21.39 -5.37
C GLN A 228 10.77 -22.20 -4.08
N MET A 229 9.69 -22.06 -3.34
CA MET A 229 9.50 -22.73 -2.08
C MET A 229 8.38 -23.75 -2.11
N LEU A 230 7.74 -23.91 -3.26
CA LEU A 230 6.71 -24.93 -3.44
C LEU A 230 7.20 -26.08 -4.27
N LYS A 231 7.33 -27.24 -3.64
CA LYS A 231 7.91 -28.40 -4.30
C LYS A 231 6.99 -29.56 -4.31
N TYR A 232 7.33 -30.51 -5.18
CA TYR A 232 6.56 -31.70 -5.39
C TYR A 232 7.49 -32.92 -5.43
N TRP A 233 7.77 -33.46 -4.24
CA TRP A 233 8.57 -34.68 -4.13
C TRP A 233 7.80 -35.82 -3.50
N LYS A 234 8.03 -37.02 -4.01
CA LYS A 234 7.34 -38.23 -3.55
C LYS A 234 5.82 -38.08 -3.58
N GLY A 235 5.30 -37.53 -4.67
CA GLY A 235 3.86 -37.44 -4.88
C GLY A 235 3.08 -36.45 -4.05
N LYS A 236 3.77 -35.53 -3.37
CA LYS A 236 3.07 -34.60 -2.45
C LYS A 236 3.61 -33.18 -2.55
N HIS A 237 2.80 -32.21 -2.11
CA HIS A 237 3.20 -30.80 -2.12
C HIS A 237 3.83 -30.33 -0.83
N LEU A 238 5.02 -29.80 -0.95
CA LEU A 238 5.76 -29.37 0.22
C LEU A 238 6.15 -27.94 0.11
N VAL A 239 6.32 -27.35 1.27
CA VAL A 239 6.81 -26.04 1.38
C VAL A 239 8.24 -26.16 1.86
N LEU A 240 9.15 -25.53 1.12
CA LEU A 240 10.54 -25.61 1.47
C LEU A 240 11.00 -24.37 2.21
N LYS A 241 11.46 -24.54 3.43
CA LYS A 241 12.00 -23.43 4.18
C LYS A 241 13.45 -23.17 3.76
N ARG A 242 13.65 -22.22 2.85
CA ARG A 242 15.00 -21.92 2.38
C ARG A 242 15.77 -21.11 3.40
N GLN A 243 16.91 -21.66 3.83
CA GLN A 243 17.71 -21.07 4.90
C GLN A 243 18.31 -19.72 4.48
N ASP A 244 18.77 -19.65 3.23
CA ASP A 244 19.28 -18.41 2.64
C ASP A 244 18.32 -17.23 2.76
N LEU A 245 17.08 -17.41 2.32
CA LEU A 245 16.09 -16.33 2.27
C LEU A 245 15.75 -15.76 3.66
N ILE A 246 15.49 -16.65 4.61
CA ILE A 246 15.26 -16.24 6.01
C ILE A 246 16.46 -15.52 6.62
N ASP A 247 17.67 -16.01 6.34
CA ASP A 247 18.91 -15.35 6.77
C ASP A 247 19.05 -13.96 6.14
N GLU A 248 18.91 -13.86 4.82
CA GLU A 248 18.98 -12.59 4.12
C GLU A 248 17.92 -11.60 4.59
N TRP A 249 16.71 -12.10 4.81
CA TRP A 249 15.60 -11.28 5.31
C TRP A 249 15.87 -10.70 6.69
N ILE A 250 16.57 -11.45 7.54
CA ILE A 250 16.88 -10.97 8.89
C ILE A 250 17.76 -9.74 8.87
N ALA A 251 18.78 -9.76 8.02
CA ALA A 251 19.65 -8.60 7.80
C ALA A 251 18.88 -7.37 7.29
N LYS A 252 17.95 -7.61 6.37
CA LYS A 252 17.06 -6.57 5.85
C LYS A 252 16.11 -6.03 6.92
N GLU A 253 15.58 -6.91 7.76
CA GLU A 253 14.68 -6.48 8.85
C GLU A 253 15.42 -5.64 9.89
N ALA A 254 16.71 -5.95 10.09
CA ALA A 254 17.57 -5.18 10.96
C ALA A 254 17.72 -3.74 10.46
N LYS A 255 18.02 -3.60 9.16
CA LYS A 255 18.14 -2.26 8.55
C LYS A 255 16.82 -1.44 8.60
N ARG A 256 15.68 -2.08 8.31
CA ARG A 256 14.37 -1.38 8.39
C ARG A 256 14.08 -0.90 9.82
N SER A 257 14.32 -1.77 10.80
CA SER A 257 14.16 -1.41 12.21
C SER A 257 15.20 -0.42 12.74
N ASN A 258 16.41 -0.43 12.15
CA ASN A 258 17.48 0.53 12.49
C ASN A 258 17.03 1.94 12.16
N SER A 259 16.37 2.11 11.02
CA SER A 259 15.54 3.29 10.85
C SER A 259 14.19 3.01 11.55
N ASN A 260 13.14 3.75 11.22
CA ASN A 260 11.85 3.54 11.83
C ASN A 260 10.77 3.37 10.79
N LYS A 261 11.15 2.83 9.63
CA LYS A 261 10.25 2.69 8.50
C LYS A 261 9.35 1.48 8.65
N THR A 262 8.64 1.43 9.77
CA THR A 262 7.77 0.31 10.09
C THR A 262 6.50 0.80 10.82
N MET A 263 5.35 0.23 10.50
CA MET A 263 4.10 0.51 11.23
C MET A 263 3.96 -0.40 12.43
N ASP A 264 3.42 0.18 13.50
CA ASP A 264 3.39 -0.42 14.82
C ASP A 264 1.91 -0.53 15.22
N PRO A 265 1.39 -1.78 15.29
CA PRO A 265 -0.06 -1.99 15.59
C PRO A 265 -0.61 -1.35 16.85
N SER A 266 0.24 -1.22 17.89
CA SER A 266 -0.17 -0.56 19.13
C SER A 266 -0.41 0.97 19.04
N CYS A 267 -0.09 1.60 17.88
CA CYS A 267 -0.39 3.01 17.63
C CYS A 267 -1.67 3.24 16.77
N LEU A 268 -2.36 2.16 16.38
CA LEU A 268 -3.64 2.25 15.67
C LEU A 268 -4.80 2.32 16.67
N LYS A 269 -5.60 3.36 16.51
CA LYS A 269 -6.80 3.59 17.33
C LYS A 269 -7.89 3.65 16.28
N TRP A 270 -8.49 2.52 15.99
CA TRP A 270 -9.44 2.42 14.89
C TRP A 270 -10.52 1.40 15.19
N THR A 271 -11.75 1.76 14.83
CA THR A 271 -12.82 0.81 14.61
C THR A 271 -13.39 1.07 13.21
N PRO A 272 -13.67 0.01 12.43
CA PRO A 272 -14.17 0.20 11.06
C PRO A 272 -15.36 1.17 10.99
N PRO A 273 -15.41 2.00 9.93
CA PRO A 273 -16.32 3.16 9.93
C PRO A 273 -17.85 2.89 9.99
N LYS A 274 -18.35 2.00 9.13
CA LYS A 274 -19.81 1.76 9.03
C LYS A 274 -20.40 1.08 10.30
N GLY B 8 -11.50 -24.84 -3.45
CA GLY B 8 -10.43 -23.81 -3.40
C GLY B 8 -9.09 -24.36 -3.82
N MET B 9 -8.78 -24.21 -5.12
CA MET B 9 -7.58 -24.78 -5.71
C MET B 9 -6.91 -23.79 -6.64
N VAL B 10 -5.65 -24.04 -6.94
CA VAL B 10 -4.81 -23.10 -7.66
C VAL B 10 -3.91 -23.89 -8.60
N GLU B 11 -3.48 -23.31 -9.72
CA GLU B 11 -2.42 -23.98 -10.53
C GLU B 11 -1.29 -23.08 -11.06
N ILE B 12 -0.21 -23.73 -11.46
CA ILE B 12 0.96 -23.22 -12.23
C ILE B 12 2.13 -24.19 -11.97
N GLU B 13 2.87 -24.43 -13.05
CA GLU B 13 3.96 -25.38 -13.09
C GLU B 13 5.14 -25.07 -12.19
N ILE B 14 5.79 -26.16 -11.79
CA ILE B 14 7.03 -26.15 -11.00
C ILE B 14 7.99 -27.17 -11.64
N GLU B 15 9.11 -26.68 -12.20
CA GLU B 15 10.10 -27.53 -12.88
C GLU B 15 9.50 -28.26 -14.09
N GLY B 16 8.79 -27.50 -14.93
CA GLY B 16 8.22 -28.00 -16.18
C GLY B 16 7.11 -29.04 -16.04
N ARG B 17 6.39 -28.99 -14.93
CA ARG B 17 5.28 -29.91 -14.64
C ARG B 17 4.12 -29.10 -14.09
N LEU B 18 2.93 -29.24 -14.66
CA LEU B 18 1.77 -28.47 -14.18
C LEU B 18 1.15 -29.11 -12.95
N HIS B 19 0.99 -28.30 -11.89
CA HIS B 19 0.48 -28.78 -10.59
C HIS B 19 -0.72 -27.97 -10.10
N ARG B 20 -1.50 -28.61 -9.23
CA ARG B 20 -2.77 -28.07 -8.71
C ARG B 20 -2.87 -28.35 -7.21
N ILE B 21 -3.10 -27.30 -6.42
CA ILE B 21 -2.97 -27.41 -4.96
C ILE B 21 -4.18 -26.80 -4.24
N SER B 22 -4.42 -27.31 -3.03
CA SER B 22 -5.51 -26.88 -2.17
C SER B 22 -4.96 -25.94 -1.11
N ILE B 23 -5.79 -24.97 -0.75
CA ILE B 23 -5.44 -23.97 0.25
C ILE B 23 -5.86 -24.37 1.67
N PHE B 24 -6.52 -25.52 1.79
CA PHE B 24 -6.94 -26.04 3.12
C PHE B 24 -6.12 -27.21 3.63
N ASP B 25 -5.62 -28.05 2.73
CA ASP B 25 -4.83 -29.21 3.14
C ASP B 25 -3.53 -28.74 3.73
N PRO B 26 -3.20 -29.20 4.95
CA PRO B 26 -1.90 -28.84 5.50
C PRO B 26 -0.76 -29.32 4.60
N LEU B 27 0.22 -28.45 4.39
CA LEU B 27 1.41 -28.75 3.61
C LEU B 27 2.56 -28.93 4.57
N GLU B 28 3.38 -29.95 4.32
CA GLU B 28 4.53 -30.24 5.19
C GLU B 28 5.65 -29.25 4.89
N ILE B 29 6.28 -28.76 5.94
CA ILE B 29 7.41 -27.87 5.87
C ILE B 29 8.67 -28.68 6.06
N ILE B 30 9.69 -28.40 5.26
CA ILE B 30 10.93 -29.17 5.31
C ILE B 30 12.11 -28.27 5.12
N LEU B 31 13.30 -28.75 5.49
CA LEU B 31 14.48 -27.88 5.54
C LEU B 31 15.50 -27.95 4.40
N GLU B 32 16.07 -29.13 4.15
CA GLU B 32 17.07 -29.31 3.08
C GLU B 32 16.86 -30.72 2.51
N ASP B 33 17.24 -31.68 3.35
CA ASP B 33 16.92 -33.10 3.36
C ASP B 33 16.81 -33.94 2.07
N ASP B 34 17.92 -34.08 1.37
CA ASP B 34 18.13 -35.18 0.37
C ASP B 34 17.22 -35.29 -0.88
N LEU B 35 16.30 -34.35 -1.07
CA LEU B 35 15.37 -34.42 -2.19
C LEU B 35 15.80 -33.53 -3.36
C8 SCA C . 10.35 0.86 -5.23
N9 SCA C . 11.06 -0.25 -5.50
C4 SCA C . 11.53 -0.13 -6.73
C5 SCA C . 11.13 1.06 -7.22
N7 SCA C . 10.41 1.66 -6.29
N3 SCA C . 12.28 -0.95 -7.48
C2 SCA C . 12.64 -0.58 -8.75
N1 SCA C . 12.23 0.61 -9.24
C6 SCA C . 11.49 1.43 -8.49
N6 SCA C . 11.28 2.56 -9.34
C1' SCA C . 11.24 -1.33 -4.65
C2' SCA C . 11.96 -1.04 -3.54
O2' SCA C . 13.45 -1.24 -3.66
C3' SCA C . 11.36 -2.05 -2.55
O3' SCA C . 11.76 -3.25 -2.87
C4' SCA C . 9.79 -2.02 -2.86
O4' SCA C . 9.70 -1.74 -4.14
C5' SCA C . 9.01 -0.95 -2.04
O5' SCA C . 9.86 0.04 -1.54
P1 SCA C . 9.21 1.39 -0.93
O11 SCA C . 10.34 2.35 -0.73
O12 SCA C . 8.38 1.13 0.33
O6 SCA C . 8.14 1.81 -2.08
P2 SCA C . 7.79 3.42 -2.45
O21 SCA C . 8.76 3.77 -3.63
O22 SCA C . 7.98 4.37 -1.31
O7 SCA C . 6.26 3.34 -2.96
CPB SCA C . 5.96 2.38 -3.97
CPA SCA C . 4.65 2.82 -4.74
CP7 SCA C . 5.13 4.06 -5.63
CP9 SCA C . 4.15 1.65 -5.58
CP8 SCA C . 3.57 3.27 -3.67
OP3 SCA C . 6.09 3.65 -6.57
CP6 SCA C . 4.09 4.78 -6.37
OP2 SCA C . 3.37 5.56 -5.83
NP2 SCA C . 4.02 4.60 -7.83
CP5 SCA C . 3.01 5.40 -8.65
CP4 SCA C . 1.61 4.97 -8.31
CP3 SCA C . 1.54 3.44 -8.42
OP1 SCA C . 2.20 2.86 -9.27
NP1 SCA C . 0.67 2.75 -7.51
CP2 SCA C . 0.56 1.28 -7.52
CP1 SCA C . -0.31 0.81 -8.74
P3 SCA C . 12.67 -4.14 -1.86
O31 SCA C . 12.24 -3.99 -0.38
O32 SCA C . 14.06 -3.64 -2.04
O33 SCA C . 12.51 -5.57 -2.32
S SCA C . -1.19 -0.72 -8.12
CS1 SCA C . -2.95 -0.29 -8.03
OS1 SCA C . -3.77 -1.12 -7.64
CS2 SCA C . -3.46 1.15 -8.42
CS3 SCA C . -3.77 1.31 -9.94
CS4 SCA C . -5.30 1.32 -10.13
OS4 SCA C . -5.92 2.46 -10.23
OS5 SCA C . -5.96 0.25 -10.16
ZN ZN D . -5.26 25.32 1.72
#